data_1H7T
#
_entry.id   1H7T
#
_cell.length_a   46.000
_cell.length_b   133.650
_cell.length_c   48.420
_cell.angle_alpha   90.00
_cell.angle_beta   102.44
_cell.angle_gamma   90.00
#
_symmetry.space_group_name_H-M   'P 1 21 1'
#
loop_
_entity.id
_entity.type
_entity.pdbx_description
1 polymer '3-DEOXY-MANNO-OCTULOSONATE CYTIDYLYLTRANSFERASE'
2 non-polymer "CYTIDINE-5'-MONOPHOSPHATE"
3 non-polymer 'N-acetyl-alpha-neuraminic acid'
4 water water
#
_entity_poly.entity_id   1
_entity_poly.type   'polypeptide(L)'
_entity_poly.pdbx_seq_one_letter_code
;SKAVIVIPARYGSSRLPGKPLLDIVGKPMIQHVYERALQVAGVAEVWVATDDPRVEQAVQAFGGKAIMTRNDHESGTDRL
VEVMHKVEADIYINLQGDEPMIRPRDVETLLQGMRDDPALPVATLCHAISAAEAAEPSTVKVVVNTRQDALYFSRSPIPY
PRNAEKARYLKHVGIYAYRRDVLQNYSQLPESMPEQAESLEQLRLMNAGINIRTFEVAATGPGVDTPACLEKVRALMAQE
LAENA
;
_entity_poly.pdbx_strand_id   A,B
#
# COMPACT_ATOMS: atom_id res chain seq x y z
N SER A 1 18.86 -24.38 8.75
CA SER A 1 17.55 -23.64 8.67
C SER A 1 16.38 -24.63 8.68
N LYS A 2 15.91 -24.95 9.89
CA LYS A 2 14.80 -25.87 10.07
C LYS A 2 13.47 -25.18 9.78
N ALA A 3 12.62 -25.86 9.02
CA ALA A 3 11.33 -25.31 8.68
C ALA A 3 10.23 -26.32 8.95
N VAL A 4 9.13 -25.85 9.53
CA VAL A 4 8.00 -26.72 9.81
C VAL A 4 6.70 -26.11 9.27
N ILE A 5 5.75 -26.97 8.92
CA ILE A 5 4.46 -26.53 8.41
C ILE A 5 3.42 -26.75 9.49
N VAL A 6 2.64 -25.71 9.78
CA VAL A 6 1.59 -25.79 10.79
C VAL A 6 0.25 -25.61 10.07
N ILE A 7 -0.73 -26.46 10.39
CA ILE A 7 -2.03 -26.38 9.74
C ILE A 7 -3.13 -26.15 10.77
N PRO A 8 -3.63 -24.90 10.86
CA PRO A 8 -4.68 -24.58 11.82
C PRO A 8 -5.96 -25.26 11.36
N ALA A 9 -6.58 -26.02 12.25
CA ALA A 9 -7.80 -26.72 11.90
C ALA A 9 -8.81 -26.69 13.02
N ARG A 10 -9.66 -25.68 13.01
CA ARG A 10 -10.70 -25.56 14.02
C ARG A 10 -12.03 -26.06 13.47
N TYR A 11 -12.67 -26.92 14.26
CA TYR A 11 -13.95 -27.54 13.91
C TYR A 11 -15.08 -26.53 13.69
N GLY A 12 -15.39 -25.79 14.76
CA GLY A 12 -16.46 -24.81 14.70
C GLY A 12 -16.47 -23.84 13.54
N SER A 13 -17.47 -23.99 12.67
CA SER A 13 -17.64 -23.14 11.50
C SER A 13 -19.14 -22.90 11.31
N SER A 14 -19.49 -21.66 10.94
CA SER A 14 -20.89 -21.27 10.74
C SER A 14 -21.66 -21.98 9.61
N ARG A 15 -21.21 -21.78 8.37
CA ARG A 15 -21.88 -22.39 7.21
C ARG A 15 -21.37 -23.77 6.79
N LEU A 16 -20.57 -24.40 7.66
CA LEU A 16 -20.02 -25.74 7.42
C LEU A 16 -19.50 -26.33 8.74
N PRO A 17 -20.41 -26.81 9.61
CA PRO A 17 -20.02 -27.40 10.90
C PRO A 17 -19.14 -28.63 10.71
N GLY A 18 -17.96 -28.61 11.31
CA GLY A 18 -17.03 -29.72 11.18
C GLY A 18 -16.46 -29.73 9.77
N LYS A 19 -15.96 -28.58 9.35
CA LYS A 19 -15.39 -28.41 8.02
C LYS A 19 -14.16 -29.25 7.71
N PRO A 20 -13.16 -29.31 8.62
CA PRO A 20 -11.97 -30.11 8.32
C PRO A 20 -12.22 -31.62 8.22
N LEU A 21 -13.33 -32.08 8.77
CA LEU A 21 -13.67 -33.50 8.76
C LEU A 21 -14.55 -33.95 7.59
N LEU A 22 -14.95 -33.00 6.74
CA LEU A 22 -15.78 -33.31 5.57
C LEU A 22 -15.08 -34.28 4.64
N ASP A 23 -15.83 -35.26 4.14
CA ASP A 23 -15.28 -36.25 3.23
C ASP A 23 -15.04 -35.72 1.82
N ILE A 24 -13.90 -36.10 1.26
CA ILE A 24 -13.52 -35.75 -0.10
C ILE A 24 -12.81 -36.99 -0.62
N VAL A 25 -13.44 -37.67 -1.59
CA VAL A 25 -12.94 -38.91 -2.17
C VAL A 25 -12.44 -39.91 -1.12
N GLY A 26 -13.22 -40.06 -0.06
CA GLY A 26 -12.89 -41.00 0.99
C GLY A 26 -12.02 -40.57 2.16
N LYS A 27 -11.50 -39.34 2.15
CA LYS A 27 -10.65 -38.85 3.23
C LYS A 27 -11.15 -37.54 3.82
N PRO A 28 -10.88 -37.30 5.12
CA PRO A 28 -11.31 -36.05 5.75
C PRO A 28 -10.50 -34.95 5.05
N MET A 29 -11.10 -33.79 4.88
CA MET A 29 -10.40 -32.69 4.20
C MET A 29 -9.05 -32.39 4.82
N ILE A 30 -8.98 -32.41 6.15
CA ILE A 30 -7.74 -32.14 6.86
C ILE A 30 -6.62 -33.11 6.45
N GLN A 31 -7.01 -34.34 6.12
CA GLN A 31 -6.04 -35.34 5.71
C GLN A 31 -5.39 -34.98 4.39
N HIS A 32 -6.19 -34.49 3.44
CA HIS A 32 -5.70 -34.10 2.11
C HIS A 32 -4.62 -33.03 2.21
N VAL A 33 -4.86 -32.05 3.09
CA VAL A 33 -3.90 -30.96 3.30
C VAL A 33 -2.62 -31.53 3.91
N TYR A 34 -2.78 -32.42 4.89
CA TYR A 34 -1.64 -33.04 5.57
C TYR A 34 -0.82 -33.86 4.58
N GLU A 35 -1.50 -34.64 3.75
CA GLU A 35 -0.83 -35.46 2.76
C GLU A 35 -0.03 -34.63 1.78
N ARG A 36 -0.61 -33.50 1.37
CA ARG A 36 0.08 -32.61 0.44
C ARG A 36 1.22 -31.84 1.12
N ALA A 37 1.02 -31.50 2.40
CA ALA A 37 2.05 -30.80 3.17
C ALA A 37 3.29 -31.68 3.27
N LEU A 38 3.07 -32.99 3.37
CA LEU A 38 4.17 -33.97 3.46
C LEU A 38 5.01 -34.05 2.19
N GLN A 39 4.46 -33.62 1.07
CA GLN A 39 5.18 -33.68 -0.20
C GLN A 39 6.08 -32.46 -0.44
N VAL A 40 6.01 -31.49 0.47
CA VAL A 40 6.83 -30.28 0.35
C VAL A 40 8.27 -30.55 0.78
N ALA A 41 9.20 -30.49 -0.18
CA ALA A 41 10.60 -30.72 0.09
C ALA A 41 11.22 -29.64 0.98
N GLY A 42 12.05 -30.06 1.94
CA GLY A 42 12.70 -29.11 2.82
C GLY A 42 12.04 -28.87 4.16
N VAL A 43 10.93 -29.56 4.40
CA VAL A 43 10.20 -29.41 5.66
C VAL A 43 10.49 -30.58 6.59
N ALA A 44 10.84 -30.24 7.84
CA ALA A 44 11.16 -31.24 8.84
C ALA A 44 9.92 -31.94 9.35
N GLU A 45 8.98 -31.17 9.89
CA GLU A 45 7.74 -31.74 10.42
C GLU A 45 6.50 -31.01 9.93
N VAL A 46 5.36 -31.67 10.10
CA VAL A 46 4.06 -31.12 9.72
C VAL A 46 3.14 -31.33 10.92
N TRP A 47 2.58 -30.24 11.43
CA TRP A 47 1.69 -30.29 12.58
C TRP A 47 0.35 -29.69 12.27
N VAL A 48 -0.67 -30.16 12.97
CA VAL A 48 -2.03 -29.64 12.83
C VAL A 48 -2.35 -28.99 14.17
N ALA A 49 -2.59 -27.68 14.16
CA ALA A 49 -2.91 -26.93 15.37
C ALA A 49 -4.41 -26.88 15.46
N THR A 50 -4.96 -27.40 16.56
CA THR A 50 -6.40 -27.45 16.73
C THR A 50 -6.87 -27.14 18.16
N ASP A 51 -8.14 -26.77 18.28
CA ASP A 51 -8.74 -26.43 19.56
C ASP A 51 -9.92 -27.34 19.89
N ASP A 52 -10.10 -28.38 19.07
CA ASP A 52 -11.20 -29.33 19.25
C ASP A 52 -10.69 -30.76 19.31
N PRO A 53 -11.03 -31.50 20.39
CA PRO A 53 -10.60 -32.89 20.59
C PRO A 53 -10.99 -33.85 19.45
N ARG A 54 -12.12 -33.59 18.82
CA ARG A 54 -12.59 -34.43 17.71
C ARG A 54 -11.63 -34.32 16.52
N VAL A 55 -11.15 -33.10 16.27
CA VAL A 55 -10.21 -32.86 15.18
C VAL A 55 -8.87 -33.53 15.52
N GLU A 56 -8.46 -33.42 16.78
CA GLU A 56 -7.22 -34.02 17.25
C GLU A 56 -7.25 -35.53 17.07
N GLN A 57 -8.40 -36.12 17.38
CA GLN A 57 -8.61 -37.55 17.25
C GLN A 57 -8.47 -37.98 15.79
N ALA A 58 -9.18 -37.27 14.92
CA ALA A 58 -9.16 -37.56 13.48
C ALA A 58 -7.78 -37.47 12.85
N VAL A 59 -6.94 -36.58 13.37
CA VAL A 59 -5.59 -36.41 12.86
C VAL A 59 -4.68 -37.56 13.32
N GLN A 60 -4.79 -37.91 14.59
CA GLN A 60 -4.00 -39.00 15.15
C GLN A 60 -4.45 -40.31 14.52
N ALA A 61 -5.75 -40.39 14.24
CA ALA A 61 -6.35 -41.58 13.62
C ALA A 61 -5.67 -41.95 12.29
N PHE A 62 -5.11 -40.96 11.59
CA PHE A 62 -4.41 -41.26 10.35
C PHE A 62 -2.90 -41.13 10.50
N GLY A 63 -2.45 -41.00 11.75
CA GLY A 63 -1.02 -40.90 12.05
C GLY A 63 -0.41 -39.52 11.92
N GLY A 64 -1.23 -38.48 11.98
CA GLY A 64 -0.71 -37.14 11.87
C GLY A 64 -0.38 -36.55 13.23
N LYS A 65 0.49 -35.55 13.25
CA LYS A 65 0.88 -34.89 14.49
C LYS A 65 -0.08 -33.76 14.82
N ALA A 66 -0.71 -33.86 15.98
CA ALA A 66 -1.65 -32.83 16.44
C ALA A 66 -1.12 -32.16 17.70
N ILE A 67 -1.54 -30.92 17.90
CA ILE A 67 -1.15 -30.16 19.07
C ILE A 67 -2.33 -29.27 19.43
N MET A 68 -2.85 -29.47 20.64
CA MET A 68 -3.98 -28.71 21.14
C MET A 68 -3.58 -27.28 21.47
N THR A 69 -4.45 -26.35 21.14
CA THR A 69 -4.21 -24.94 21.39
C THR A 69 -5.45 -24.36 22.05
N ARG A 70 -5.34 -23.16 22.59
CA ARG A 70 -6.46 -22.51 23.24
C ARG A 70 -7.58 -22.18 22.26
N ASN A 71 -8.80 -22.12 22.78
CA ASN A 71 -9.99 -21.81 21.99
C ASN A 71 -10.33 -20.33 22.03
N ASP A 72 -9.73 -19.60 22.97
CA ASP A 72 -9.96 -18.17 23.14
C ASP A 72 -9.13 -17.31 22.19
N HIS A 73 -8.42 -17.95 21.26
CA HIS A 73 -7.58 -17.25 20.28
C HIS A 73 -8.43 -16.43 19.33
N GLU A 74 -8.21 -15.12 19.35
CA GLU A 74 -8.95 -14.21 18.47
C GLU A 74 -8.54 -14.37 17.00
N SER A 75 -7.24 -14.52 16.77
CA SER A 75 -6.73 -14.66 15.40
C SER A 75 -5.88 -15.91 15.16
N GLY A 76 -5.93 -16.41 13.92
CA GLY A 76 -5.18 -17.59 13.55
C GLY A 76 -3.68 -17.47 13.65
N THR A 77 -3.18 -16.24 13.78
CA THR A 77 -1.74 -16.00 13.90
C THR A 77 -1.33 -16.14 15.37
N ASP A 78 -2.24 -15.84 16.28
CA ASP A 78 -1.96 -15.96 17.70
C ASP A 78 -1.79 -17.45 17.96
N ARG A 79 -2.60 -18.26 17.28
CA ARG A 79 -2.55 -19.70 17.39
C ARG A 79 -1.18 -20.23 16.98
N LEU A 80 -0.59 -19.63 15.94
CA LEU A 80 0.74 -20.04 15.48
C LEU A 80 1.84 -19.61 16.47
N VAL A 81 1.59 -18.53 17.23
CA VAL A 81 2.54 -18.03 18.23
C VAL A 81 2.62 -19.03 19.39
N GLU A 82 1.48 -19.60 19.76
CA GLU A 82 1.43 -20.59 20.84
C GLU A 82 2.15 -21.87 20.41
N VAL A 83 1.96 -22.29 19.17
CA VAL A 83 2.62 -23.50 18.65
C VAL A 83 4.14 -23.26 18.59
N MET A 84 4.52 -22.03 18.28
CA MET A 84 5.92 -21.64 18.16
C MET A 84 6.74 -21.87 19.45
N HIS A 85 6.13 -21.64 20.61
CA HIS A 85 6.81 -21.84 21.88
C HIS A 85 7.16 -23.31 22.13
N LYS A 86 6.30 -24.20 21.67
CA LYS A 86 6.49 -25.64 21.84
C LYS A 86 7.26 -26.29 20.70
N VAL A 87 6.85 -26.03 19.46
CA VAL A 87 7.54 -26.60 18.29
C VAL A 87 8.61 -25.64 17.80
N GLU A 88 9.86 -26.07 17.91
CA GLU A 88 11.00 -25.26 17.50
C GLU A 88 11.29 -25.37 16.01
N ALA A 89 11.53 -24.21 15.38
CA ALA A 89 11.86 -24.08 13.96
C ALA A 89 12.38 -22.67 13.72
N ASP A 90 13.02 -22.46 12.57
CA ASP A 90 13.55 -21.15 12.21
C ASP A 90 12.53 -20.44 11.32
N ILE A 91 11.77 -21.25 10.56
CA ILE A 91 10.74 -20.77 9.64
C ILE A 91 9.43 -21.55 9.83
N TYR A 92 8.33 -20.86 10.05
CA TYR A 92 7.02 -21.49 10.23
C TYR A 92 6.11 -21.15 9.06
N ILE A 93 5.55 -22.18 8.42
CA ILE A 93 4.64 -21.98 7.30
C ILE A 93 3.22 -22.26 7.79
N ASN A 94 2.33 -21.32 7.54
CA ASN A 94 0.94 -21.44 7.97
C ASN A 94 0.05 -21.78 6.78
N LEU A 95 -0.38 -23.03 6.69
CA LEU A 95 -1.27 -23.49 5.63
C LEU A 95 -2.69 -23.49 6.15
N GLN A 96 -3.67 -23.25 5.28
CA GLN A 96 -5.06 -23.24 5.72
C GLN A 96 -5.67 -24.64 5.63
N GLY A 97 -6.30 -25.07 6.71
CA GLY A 97 -6.90 -26.39 6.75
C GLY A 97 -8.08 -26.63 5.82
N ASP A 98 -8.53 -25.59 5.12
CA ASP A 98 -9.67 -25.72 4.20
C ASP A 98 -9.35 -25.58 2.71
N GLU A 99 -8.07 -25.73 2.35
CA GLU A 99 -7.66 -25.66 0.95
C GLU A 99 -6.97 -26.98 0.60
N PRO A 100 -7.77 -28.03 0.36
CA PRO A 100 -7.25 -29.36 0.02
C PRO A 100 -6.51 -29.46 -1.32
N MET A 101 -6.67 -28.45 -2.17
CA MET A 101 -6.03 -28.47 -3.48
C MET A 101 -4.71 -27.72 -3.59
N ILE A 102 -4.09 -27.48 -2.44
CA ILE A 102 -2.81 -26.80 -2.36
C ILE A 102 -1.73 -27.56 -3.17
N ARG A 103 -0.97 -26.84 -3.98
CA ARG A 103 0.11 -27.46 -4.76
C ARG A 103 1.40 -27.40 -3.97
N PRO A 104 2.02 -28.57 -3.69
CA PRO A 104 3.26 -28.64 -2.94
C PRO A 104 4.36 -27.74 -3.50
N ARG A 105 4.35 -27.53 -4.82
CA ARG A 105 5.36 -26.70 -5.47
C ARG A 105 5.27 -25.22 -5.06
N ASP A 106 4.04 -24.73 -4.84
CA ASP A 106 3.83 -23.34 -4.45
C ASP A 106 4.41 -23.06 -3.07
N VAL A 107 4.31 -24.04 -2.18
CA VAL A 107 4.85 -23.89 -0.84
C VAL A 107 6.38 -23.93 -0.89
N GLU A 108 6.94 -24.66 -1.86
CA GLU A 108 8.40 -24.72 -2.02
C GLU A 108 8.91 -23.39 -2.57
N THR A 109 8.10 -22.73 -3.39
CA THR A 109 8.47 -21.43 -3.96
C THR A 109 8.61 -20.45 -2.79
N LEU A 110 7.65 -20.53 -1.88
CA LEU A 110 7.59 -19.70 -0.69
C LEU A 110 8.81 -19.94 0.18
N LEU A 111 9.05 -21.22 0.50
CA LEU A 111 10.18 -21.62 1.34
C LEU A 111 11.53 -21.22 0.74
N GLN A 112 11.66 -21.36 -0.57
CA GLN A 112 12.91 -20.99 -1.25
C GLN A 112 13.14 -19.48 -1.17
N GLY A 113 12.04 -18.72 -1.27
CA GLY A 113 12.12 -17.28 -1.18
C GLY A 113 12.67 -16.87 0.17
N MET A 114 12.18 -17.52 1.23
CA MET A 114 12.63 -17.25 2.60
C MET A 114 14.10 -17.57 2.79
N ARG A 115 14.56 -18.65 2.15
CA ARG A 115 15.95 -19.08 2.27
C ARG A 115 16.92 -18.26 1.43
N ASP A 116 16.47 -17.73 0.30
CA ASP A 116 17.33 -16.92 -0.56
C ASP A 116 17.63 -15.55 0.06
N ASP A 117 16.77 -15.11 0.98
CA ASP A 117 16.95 -13.83 1.65
C ASP A 117 16.72 -14.00 3.15
N PRO A 118 17.80 -14.14 3.94
CA PRO A 118 17.79 -14.31 5.40
C PRO A 118 17.20 -13.14 6.19
N ALA A 119 17.11 -11.97 5.55
CA ALA A 119 16.58 -10.78 6.21
C ALA A 119 15.08 -10.57 6.03
N LEU A 120 14.46 -11.41 5.19
CA LEU A 120 13.03 -11.33 4.93
C LEU A 120 12.28 -11.93 6.11
N PRO A 121 11.40 -11.14 6.75
CA PRO A 121 10.62 -11.57 7.90
C PRO A 121 9.39 -12.43 7.55
N VAL A 122 8.62 -11.98 6.57
CA VAL A 122 7.40 -12.68 6.18
C VAL A 122 7.29 -12.76 4.67
N ALA A 123 6.67 -13.85 4.20
CA ALA A 123 6.48 -14.09 2.77
C ALA A 123 5.09 -14.68 2.56
N THR A 124 4.47 -14.34 1.43
CA THR A 124 3.15 -14.86 1.12
C THR A 124 2.99 -15.06 -0.38
N LEU A 125 1.81 -15.51 -0.80
CA LEU A 125 1.57 -15.78 -2.22
C LEU A 125 0.44 -14.96 -2.84
N CYS A 126 0.44 -14.90 -4.16
CA CYS A 126 -0.59 -14.18 -4.91
C CYS A 126 -0.62 -14.70 -6.35
N HIS A 127 -1.71 -14.42 -7.05
CA HIS A 127 -1.87 -14.81 -8.46
C HIS A 127 -2.73 -13.80 -9.21
N ALA A 128 -2.57 -13.75 -10.52
CA ALA A 128 -3.34 -12.82 -11.34
C ALA A 128 -4.84 -13.11 -11.39
N ILE A 129 -5.61 -12.04 -11.38
CA ILE A 129 -7.06 -12.14 -11.48
C ILE A 129 -7.54 -11.04 -12.41
N SER A 130 -8.70 -11.25 -13.03
CA SER A 130 -9.29 -10.28 -13.94
C SER A 130 -9.85 -9.11 -13.14
N ALA A 131 -10.27 -8.06 -13.82
CA ALA A 131 -10.84 -6.89 -13.16
C ALA A 131 -12.16 -7.22 -12.48
N ALA A 132 -12.93 -8.11 -13.10
CA ALA A 132 -14.23 -8.53 -12.57
C ALA A 132 -14.12 -9.24 -11.22
N GLU A 133 -13.12 -10.10 -11.09
CA GLU A 133 -12.90 -10.83 -9.85
C GLU A 133 -12.39 -9.89 -8.76
N ALA A 134 -11.52 -8.95 -9.16
CA ALA A 134 -10.95 -7.97 -8.25
C ALA A 134 -11.98 -7.06 -7.60
N ALA A 135 -13.14 -6.91 -8.23
CA ALA A 135 -14.21 -6.05 -7.69
C ALA A 135 -14.86 -6.62 -6.42
N GLU A 136 -14.63 -7.91 -6.17
CA GLU A 136 -15.21 -8.56 -5.00
C GLU A 136 -14.52 -8.24 -3.69
N PRO A 137 -15.27 -7.70 -2.71
CA PRO A 137 -14.69 -7.37 -1.40
C PRO A 137 -14.16 -8.62 -0.70
N SER A 138 -14.84 -9.75 -0.94
CA SER A 138 -14.47 -11.05 -0.38
C SER A 138 -13.08 -11.50 -0.86
N THR A 139 -12.62 -10.92 -1.96
CA THR A 139 -11.31 -11.21 -2.53
C THR A 139 -10.37 -10.08 -2.08
N VAL A 140 -9.20 -10.48 -1.60
CA VAL A 140 -8.19 -9.55 -1.12
C VAL A 140 -7.16 -9.27 -2.18
N LYS A 141 -7.02 -8.00 -2.54
CA LYS A 141 -6.05 -7.60 -3.55
C LYS A 141 -4.74 -7.10 -2.93
N VAL A 142 -3.67 -7.13 -3.71
CA VAL A 142 -2.39 -6.67 -3.23
C VAL A 142 -1.61 -6.01 -4.36
N VAL A 143 -0.86 -4.97 -4.02
CA VAL A 143 -0.03 -4.23 -4.95
C VAL A 143 1.41 -4.36 -4.45
N VAL A 144 2.34 -4.69 -5.35
CA VAL A 144 3.74 -4.89 -5.01
C VAL A 144 4.71 -3.94 -5.75
N ASN A 145 5.95 -3.83 -5.26
CA ASN A 145 6.96 -2.98 -5.88
C ASN A 145 7.90 -3.83 -6.73
N THR A 146 9.02 -3.28 -7.21
CA THR A 146 9.93 -4.07 -8.04
C THR A 146 10.52 -5.31 -7.34
N ARG A 147 10.78 -5.19 -6.05
CA ARG A 147 11.31 -6.32 -5.27
C ARG A 147 10.20 -7.26 -4.86
N GLN A 148 8.99 -7.00 -5.35
CA GLN A 148 7.82 -7.80 -5.05
C GLN A 148 7.36 -7.67 -3.60
N ASP A 149 7.79 -6.61 -2.94
CA ASP A 149 7.37 -6.38 -1.56
C ASP A 149 5.98 -5.78 -1.62
N ALA A 150 5.11 -6.18 -0.70
CA ALA A 150 3.74 -5.67 -0.70
C ALA A 150 3.68 -4.23 -0.25
N LEU A 151 2.96 -3.40 -1.00
CA LEU A 151 2.76 -1.99 -0.67
C LEU A 151 1.56 -1.89 0.24
N TYR A 152 0.51 -2.64 -0.11
CA TYR A 152 -0.71 -2.65 0.68
C TYR A 152 -1.64 -3.81 0.26
N PHE A 153 -2.54 -4.20 1.16
CA PHE A 153 -3.53 -5.27 0.94
C PHE A 153 -4.91 -4.63 1.16
N SER A 154 -5.86 -4.92 0.29
CA SER A 154 -7.18 -4.32 0.45
C SER A 154 -8.31 -5.08 -0.21
N ARG A 155 -9.51 -4.87 0.33
CA ARG A 155 -10.73 -5.45 -0.19
C ARG A 155 -11.20 -4.54 -1.32
N SER A 156 -10.72 -3.29 -1.33
CA SER A 156 -11.04 -2.31 -2.37
C SER A 156 -10.19 -2.64 -3.60
N PRO A 157 -10.72 -2.37 -4.80
CA PRO A 157 -9.93 -2.65 -5.99
C PRO A 157 -8.74 -1.71 -6.09
N ILE A 158 -7.54 -2.30 -6.01
CA ILE A 158 -6.30 -1.54 -6.14
C ILE A 158 -5.38 -2.31 -7.08
N PRO A 159 -4.72 -1.61 -8.01
CA PRO A 159 -4.81 -0.16 -8.19
C PRO A 159 -6.16 0.27 -8.78
N TYR A 160 -6.53 1.52 -8.52
CA TYR A 160 -7.78 2.07 -9.04
C TYR A 160 -7.70 2.05 -10.57
N PRO A 161 -8.80 1.66 -11.23
CA PRO A 161 -8.81 1.62 -12.69
C PRO A 161 -9.06 2.99 -13.37
N ARG A 162 -8.15 3.93 -13.17
CA ARG A 162 -8.32 5.24 -13.81
C ARG A 162 -8.14 5.00 -15.32
N ASN A 163 -7.01 4.40 -15.67
CA ASN A 163 -6.73 4.03 -17.05
C ASN A 163 -6.88 2.52 -16.99
N ALA A 164 -8.14 2.10 -17.04
CA ALA A 164 -8.55 0.70 -16.96
C ALA A 164 -7.70 -0.35 -17.68
N GLU A 165 -7.32 -0.07 -18.93
CA GLU A 165 -6.52 -1.03 -19.70
C GLU A 165 -5.13 -1.30 -19.16
N LYS A 166 -4.63 -0.41 -18.30
CA LYS A 166 -3.30 -0.54 -17.74
C LYS A 166 -3.25 -1.29 -16.43
N ALA A 167 -4.40 -1.47 -15.80
CA ALA A 167 -4.49 -2.15 -14.51
C ALA A 167 -4.34 -3.67 -14.58
N ARG A 168 -3.62 -4.21 -13.61
CA ARG A 168 -3.41 -5.65 -13.49
C ARG A 168 -3.59 -5.99 -12.02
N TYR A 169 -4.56 -6.85 -11.74
CA TYR A 169 -4.86 -7.23 -10.38
C TYR A 169 -4.21 -8.52 -9.93
N LEU A 170 -3.86 -8.55 -8.65
CA LEU A 170 -3.23 -9.69 -8.00
C LEU A 170 -4.04 -10.08 -6.79
N LYS A 171 -4.54 -11.31 -6.77
CA LYS A 171 -5.31 -11.81 -5.65
C LYS A 171 -4.33 -12.40 -4.64
N HIS A 172 -4.55 -12.08 -3.36
CA HIS A 172 -3.70 -12.58 -2.28
C HIS A 172 -4.13 -14.00 -1.87
N VAL A 173 -3.16 -14.92 -1.88
CA VAL A 173 -3.38 -16.32 -1.45
C VAL A 173 -2.90 -16.43 0.00
N GLY A 174 -3.84 -16.64 0.91
CA GLY A 174 -3.54 -16.71 2.34
C GLY A 174 -2.58 -17.71 2.97
N ILE A 175 -1.44 -17.95 2.33
CA ILE A 175 -0.43 -18.86 2.85
C ILE A 175 0.78 -18.00 3.23
N TYR A 176 1.26 -18.15 4.45
CA TYR A 176 2.39 -17.35 4.96
C TYR A 176 3.57 -18.17 5.48
N ALA A 177 4.74 -17.55 5.44
CA ALA A 177 5.98 -18.13 5.96
C ALA A 177 6.48 -17.04 6.90
N TYR A 178 6.71 -17.41 8.16
CA TYR A 178 7.19 -16.46 9.16
C TYR A 178 8.53 -16.87 9.76
N ARG A 179 9.43 -15.90 9.92
CA ARG A 179 10.71 -16.15 10.58
C ARG A 179 10.32 -16.34 12.06
N ARG A 180 11.15 -17.07 12.82
CA ARG A 180 10.86 -17.31 14.25
C ARG A 180 10.74 -16.03 15.09
N ASP A 181 11.63 -15.06 14.86
CA ASP A 181 11.60 -13.81 15.62
C ASP A 181 10.37 -12.93 15.41
N VAL A 182 9.71 -13.06 14.26
CA VAL A 182 8.51 -12.27 13.97
C VAL A 182 7.37 -12.72 14.89
N LEU A 183 7.27 -14.04 15.06
CA LEU A 183 6.26 -14.66 15.92
C LEU A 183 6.53 -14.37 17.39
N GLN A 184 7.80 -14.30 17.77
CA GLN A 184 8.18 -14.00 19.15
C GLN A 184 7.76 -12.58 19.54
N ASN A 185 7.87 -11.65 18.59
CA ASN A 185 7.51 -10.26 18.83
C ASN A 185 6.08 -9.87 18.46
N TYR A 186 5.36 -10.79 17.80
CA TYR A 186 4.00 -10.52 17.34
C TYR A 186 2.97 -10.03 18.35
N SER A 187 2.87 -10.71 19.49
CA SER A 187 1.88 -10.35 20.52
C SER A 187 2.05 -8.98 21.16
N GLN A 188 3.20 -8.35 20.95
CA GLN A 188 3.46 -7.02 21.48
C GLN A 188 2.95 -5.93 20.53
N LEU A 189 2.80 -6.28 19.26
CA LEU A 189 2.31 -5.34 18.24
C LEU A 189 0.85 -4.96 18.49
N PRO A 190 0.52 -3.67 18.32
CA PRO A 190 -0.86 -3.23 18.55
C PRO A 190 -1.67 -3.37 17.26
N GLU A 191 -2.99 -3.39 17.40
CA GLU A 191 -3.89 -3.49 16.24
C GLU A 191 -3.91 -2.16 15.49
N SER A 192 -3.73 -2.20 14.18
CA SER A 192 -3.76 -0.98 13.40
C SER A 192 -5.18 -0.60 13.00
N MET A 193 -5.34 0.67 12.60
CA MET A 193 -6.62 1.19 12.17
C MET A 193 -7.04 0.54 10.84
N PRO A 194 -6.08 0.39 9.87
CA PRO A 194 -6.44 -0.23 8.60
C PRO A 194 -6.84 -1.69 8.81
N GLU A 195 -6.18 -2.34 9.76
CA GLU A 195 -6.49 -3.72 10.08
C GLU A 195 -7.93 -3.84 10.55
N GLN A 196 -8.31 -3.02 11.52
CA GLN A 196 -9.65 -3.02 12.08
C GLN A 196 -10.72 -2.60 11.08
N ALA A 197 -10.34 -1.71 10.16
CA ALA A 197 -11.26 -1.23 9.13
C ALA A 197 -11.51 -2.29 8.06
N GLU A 198 -10.42 -2.82 7.51
CA GLU A 198 -10.46 -3.82 6.45
C GLU A 198 -10.71 -5.24 6.97
N SER A 199 -10.44 -5.45 8.26
CA SER A 199 -10.59 -6.74 8.90
C SER A 199 -9.59 -7.72 8.28
N LEU A 200 -8.41 -7.22 7.98
CA LEU A 200 -7.32 -8.00 7.40
C LEU A 200 -6.18 -8.01 8.41
N GLU A 201 -5.98 -9.15 9.05
CA GLU A 201 -4.94 -9.31 10.06
C GLU A 201 -3.51 -8.99 9.60
N GLN A 202 -3.19 -9.30 8.35
CA GLN A 202 -1.84 -9.04 7.83
C GLN A 202 -1.43 -7.55 7.83
N LEU A 203 -2.41 -6.66 7.93
CA LEU A 203 -2.10 -5.23 7.97
C LEU A 203 -1.53 -4.83 9.33
N ARG A 204 -1.57 -5.73 10.30
CA ARG A 204 -1.00 -5.43 11.61
C ARG A 204 0.53 -5.42 11.49
N LEU A 205 1.04 -6.29 10.63
CA LEU A 205 2.47 -6.38 10.40
C LEU A 205 2.98 -5.17 9.64
N MET A 206 2.22 -4.75 8.63
CA MET A 206 2.61 -3.62 7.81
C MET A 206 2.63 -2.31 8.59
N ASN A 207 1.76 -2.21 9.57
CA ASN A 207 1.69 -1.03 10.43
C ASN A 207 3.00 -0.89 11.19
N ALA A 208 3.53 -2.02 11.64
CA ALA A 208 4.77 -2.07 12.40
C ALA A 208 6.02 -1.97 11.52
N GLY A 209 5.84 -1.89 10.21
CA GLY A 209 6.98 -1.78 9.32
C GLY A 209 7.65 -3.08 8.94
N ILE A 210 6.96 -4.20 9.21
CA ILE A 210 7.49 -5.53 8.89
C ILE A 210 7.19 -5.83 7.42
N ASN A 211 8.24 -6.00 6.64
CA ASN A 211 8.14 -6.28 5.21
C ASN A 211 7.58 -7.67 4.89
N ILE A 212 6.66 -7.70 3.94
CA ILE A 212 6.00 -8.94 3.50
C ILE A 212 6.21 -9.07 2.00
N ARG A 213 7.07 -10.00 1.59
CA ARG A 213 7.32 -10.21 0.16
C ARG A 213 6.27 -11.15 -0.39
N THR A 214 5.73 -10.80 -1.55
CA THR A 214 4.67 -11.60 -2.17
C THR A 214 5.11 -12.25 -3.46
N PHE A 215 5.19 -13.58 -3.44
CA PHE A 215 5.58 -14.37 -4.62
C PHE A 215 4.38 -14.76 -5.47
N GLU A 216 4.52 -14.59 -6.78
CA GLU A 216 3.45 -14.91 -7.72
C GLU A 216 3.47 -16.36 -8.20
N VAL A 217 2.29 -16.98 -8.22
CA VAL A 217 2.13 -18.36 -8.69
C VAL A 217 0.90 -18.38 -9.61
N ALA A 218 0.63 -19.52 -10.23
CA ALA A 218 -0.53 -19.65 -11.12
C ALA A 218 -1.82 -19.65 -10.30
N ALA A 219 -2.96 -19.54 -10.98
CA ALA A 219 -4.24 -19.54 -10.29
C ALA A 219 -4.38 -20.79 -9.42
N THR A 220 -4.73 -20.60 -8.15
CA THR A 220 -4.88 -21.70 -7.21
C THR A 220 -6.24 -22.39 -7.33
N GLY A 221 -6.33 -23.61 -6.81
CA GLY A 221 -7.57 -24.34 -6.85
C GLY A 221 -8.63 -23.69 -6.00
N PRO A 222 -9.93 -23.97 -6.24
CA PRO A 222 -10.99 -23.36 -5.43
C PRO A 222 -11.00 -23.87 -4.00
N GLY A 223 -10.89 -22.95 -3.05
CA GLY A 223 -10.90 -23.30 -1.65
C GLY A 223 -12.31 -23.62 -1.20
N VAL A 224 -12.46 -24.65 -0.37
CA VAL A 224 -13.77 -25.06 0.11
C VAL A 224 -14.30 -24.10 1.18
N ASP A 225 -15.40 -23.43 0.86
CA ASP A 225 -16.05 -22.49 1.76
C ASP A 225 -17.56 -22.63 1.70
N THR A 226 -18.06 -22.93 0.50
CA THR A 226 -19.50 -23.10 0.27
C THR A 226 -19.72 -24.50 -0.33
N PRO A 227 -20.90 -25.12 -0.08
CA PRO A 227 -21.18 -26.45 -0.62
C PRO A 227 -21.20 -26.50 -2.15
N ALA A 228 -21.31 -25.31 -2.77
CA ALA A 228 -21.31 -25.19 -4.22
C ALA A 228 -19.88 -25.41 -4.72
N CYS A 229 -18.92 -24.90 -3.95
CA CYS A 229 -17.49 -25.04 -4.27
C CYS A 229 -16.97 -26.39 -3.77
N LEU A 230 -17.65 -26.97 -2.78
CA LEU A 230 -17.27 -28.27 -2.21
C LEU A 230 -17.44 -29.39 -3.24
N GLU A 231 -18.53 -29.33 -4.00
CA GLU A 231 -18.81 -30.33 -5.04
C GLU A 231 -17.82 -30.22 -6.18
N LYS A 232 -17.43 -28.98 -6.50
CA LYS A 232 -16.48 -28.72 -7.58
C LYS A 232 -15.12 -29.28 -7.19
N VAL A 233 -14.80 -29.17 -5.89
CA VAL A 233 -13.54 -29.68 -5.36
C VAL A 233 -13.56 -31.21 -5.35
N ARG A 234 -14.69 -31.80 -4.95
CA ARG A 234 -14.81 -33.25 -4.93
C ARG A 234 -14.61 -33.85 -6.30
N ALA A 235 -15.26 -33.25 -7.30
CA ALA A 235 -15.17 -33.70 -8.70
C ALA A 235 -13.81 -33.38 -9.32
N LEU A 236 -13.24 -32.25 -8.90
CA LEU A 236 -11.94 -31.80 -9.38
C LEU A 236 -10.81 -32.64 -8.77
N MET A 237 -11.06 -33.12 -7.56
CA MET A 237 -10.11 -33.96 -6.84
C MET A 237 -10.17 -35.37 -7.42
N ALA A 238 -11.39 -35.85 -7.66
CA ALA A 238 -11.63 -37.18 -8.24
C ALA A 238 -11.13 -37.24 -9.67
N GLN A 239 -11.26 -36.14 -10.40
CA GLN A 239 -10.81 -36.04 -11.79
C GLN A 239 -9.29 -36.18 -11.82
N GLU A 240 -8.66 -35.74 -10.73
CA GLU A 240 -7.22 -35.78 -10.57
C GLU A 240 -6.69 -37.19 -10.30
N LEU A 241 -7.49 -37.99 -9.57
CA LEU A 241 -7.12 -39.37 -9.24
C LEU A 241 -7.00 -40.26 -10.47
N ALA A 242 -7.99 -40.15 -11.36
CA ALA A 242 -8.04 -40.93 -12.60
C ALA A 242 -7.04 -40.48 -13.66
N GLU A 243 -6.56 -39.24 -13.54
CA GLU A 243 -5.58 -38.69 -14.48
C GLU A 243 -4.17 -39.14 -14.15
N ASN A 244 -3.91 -39.43 -12.87
CA ASN A 244 -2.61 -39.89 -12.42
C ASN A 244 -2.65 -41.37 -12.03
N ALA A 245 -3.21 -42.19 -12.91
CA ALA A 245 -3.33 -43.63 -12.68
C ALA A 245 -2.46 -44.45 -13.64
N SER B 1 22.42 22.64 5.85
CA SER B 1 21.26 21.96 5.24
C SER B 1 20.42 23.00 4.49
N LYS B 2 20.86 23.32 3.26
CA LYS B 2 20.19 24.31 2.40
C LYS B 2 18.90 23.80 1.77
N ALA B 3 17.83 24.58 1.93
CA ALA B 3 16.52 24.25 1.39
C ALA B 3 16.00 25.38 0.51
N VAL B 4 15.43 25.04 -0.63
CA VAL B 4 14.87 26.03 -1.55
C VAL B 4 13.47 25.59 -1.96
N ILE B 5 12.60 26.57 -2.23
CA ILE B 5 11.23 26.31 -2.67
C ILE B 5 11.12 26.59 -4.17
N VAL B 6 10.57 25.64 -4.91
CA VAL B 6 10.38 25.80 -6.36
C VAL B 6 8.89 25.77 -6.62
N ILE B 7 8.40 26.69 -7.45
CA ILE B 7 6.97 26.76 -7.78
C ILE B 7 6.78 26.61 -9.28
N PRO B 8 6.29 25.43 -9.72
CA PRO B 8 6.05 25.17 -11.15
C PRO B 8 4.85 26.00 -11.57
N ALA B 9 5.04 26.83 -12.59
CA ALA B 9 3.99 27.69 -13.09
C ALA B 9 3.98 27.74 -14.62
N ARG B 10 3.41 26.71 -15.24
CA ARG B 10 3.31 26.69 -16.70
C ARG B 10 2.16 27.62 -17.08
N TYR B 11 2.27 28.20 -18.26
CA TYR B 11 1.24 29.12 -18.73
C TYR B 11 -0.07 28.40 -19.06
N GLY B 12 0.03 27.28 -19.78
CA GLY B 12 -1.13 26.53 -20.20
C GLY B 12 -2.05 25.80 -19.23
N SER B 13 -3.29 25.59 -19.68
CA SER B 13 -4.33 24.88 -18.95
C SER B 13 -5.54 24.68 -19.87
N SER B 14 -6.07 23.47 -19.93
CA SER B 14 -7.21 23.16 -20.79
C SER B 14 -8.48 23.94 -20.46
N ARG B 15 -8.62 24.33 -19.21
CA ARG B 15 -9.80 25.08 -18.74
C ARG B 15 -9.52 26.52 -18.35
N LEU B 16 -8.26 26.84 -18.11
CA LEU B 16 -7.87 28.20 -17.71
C LEU B 16 -6.55 28.67 -18.30
N PRO B 17 -6.51 28.98 -19.61
CA PRO B 17 -5.27 29.43 -20.25
C PRO B 17 -4.66 30.63 -19.50
N GLY B 18 -3.35 30.57 -19.25
CA GLY B 18 -2.65 31.63 -18.54
C GLY B 18 -3.02 31.71 -17.07
N LYS B 19 -3.36 30.56 -16.49
CA LYS B 19 -3.77 30.42 -15.09
C LYS B 19 -2.96 31.15 -14.01
N PRO B 20 -1.60 31.06 -14.06
CA PRO B 20 -0.80 31.74 -13.04
C PRO B 20 -0.92 33.27 -13.05
N LEU B 21 -1.37 33.83 -14.17
CA LEU B 21 -1.53 35.27 -14.30
C LEU B 21 -2.94 35.78 -14.00
N LEU B 22 -3.85 34.89 -13.60
CA LEU B 22 -5.22 35.28 -13.28
C LEU B 22 -5.25 36.13 -12.01
N ASP B 23 -6.01 37.22 -12.06
CA ASP B 23 -6.11 38.14 -10.95
C ASP B 23 -6.98 37.69 -9.80
N ILE B 24 -6.37 37.60 -8.61
CA ILE B 24 -7.10 37.25 -7.40
C ILE B 24 -6.91 38.44 -6.47
N VAL B 25 -8.01 39.16 -6.26
CA VAL B 25 -8.04 40.36 -5.42
C VAL B 25 -6.85 41.31 -5.54
N GLY B 26 -6.52 41.66 -6.78
CA GLY B 26 -5.44 42.61 -7.04
C GLY B 26 -4.10 42.10 -7.52
N LYS B 27 -3.83 40.81 -7.31
CA LYS B 27 -2.55 40.24 -7.71
C LYS B 27 -2.70 38.95 -8.51
N PRO B 28 -1.73 38.67 -9.39
CA PRO B 28 -1.79 37.44 -10.17
C PRO B 28 -1.63 36.28 -9.19
N MET B 29 -2.31 35.16 -9.44
CA MET B 29 -2.25 34.01 -8.55
C MET B 29 -0.83 33.58 -8.13
N ILE B 30 0.10 33.62 -9.07
CA ILE B 30 1.47 33.22 -8.80
C ILE B 30 2.13 34.10 -7.74
N GLN B 31 1.73 35.38 -7.69
CA GLN B 31 2.29 36.30 -6.71
C GLN B 31 1.87 35.91 -5.30
N HIS B 32 0.64 35.45 -5.13
CA HIS B 32 0.12 35.02 -3.83
C HIS B 32 0.92 33.84 -3.28
N VAL B 33 1.22 32.87 -4.15
CA VAL B 33 1.98 31.68 -3.76
C VAL B 33 3.41 32.09 -3.40
N TYR B 34 4.00 32.95 -4.23
CA TYR B 34 5.36 33.43 -4.03
C TYR B 34 5.51 34.20 -2.71
N GLU B 35 4.57 35.10 -2.42
CA GLU B 35 4.61 35.89 -1.20
C GLU B 35 4.48 35.02 0.04
N ARG B 36 3.62 34.02 -0.04
CA ARG B 36 3.44 33.10 1.08
C ARG B 36 4.66 32.22 1.25
N ALA B 37 5.31 31.85 0.13
CA ALA B 37 6.51 31.02 0.16
C ALA B 37 7.64 31.76 0.86
N LEU B 38 7.68 33.08 0.71
CA LEU B 38 8.72 33.91 1.33
C LEU B 38 8.59 33.99 2.85
N GLN B 39 7.42 33.62 3.36
CA GLN B 39 7.15 33.64 4.80
C GLN B 39 7.55 32.36 5.51
N VAL B 40 8.02 31.37 4.76
CA VAL B 40 8.44 30.09 5.30
C VAL B 40 9.85 30.18 5.85
N ALA B 41 9.97 30.08 7.16
CA ALA B 41 11.25 30.16 7.83
C ALA B 41 12.10 28.93 7.50
N GLY B 42 13.40 29.15 7.30
CA GLY B 42 14.29 28.04 7.00
C GLY B 42 14.66 27.85 5.55
N VAL B 43 14.00 28.59 4.67
CA VAL B 43 14.25 28.47 3.25
C VAL B 43 15.24 29.56 2.79
N ALA B 44 16.17 29.17 1.93
CA ALA B 44 17.19 30.09 1.44
C ALA B 44 16.84 30.85 0.17
N GLU B 45 16.07 30.22 -0.71
CA GLU B 45 15.67 30.82 -1.97
C GLU B 45 14.29 30.33 -2.42
N VAL B 46 13.60 31.17 -3.19
CA VAL B 46 12.28 30.83 -3.74
C VAL B 46 12.29 31.15 -5.23
N TRP B 47 12.04 30.13 -6.05
CA TRP B 47 12.02 30.29 -7.50
C TRP B 47 10.73 29.83 -8.12
N VAL B 48 10.33 30.53 -9.16
CA VAL B 48 9.13 30.19 -9.92
C VAL B 48 9.73 29.56 -11.18
N ALA B 49 9.37 28.30 -11.43
CA ALA B 49 9.86 27.59 -12.62
C ALA B 49 8.75 27.68 -13.66
N THR B 50 9.02 28.43 -14.72
CA THR B 50 8.03 28.64 -15.76
C THR B 50 8.53 28.27 -17.14
N ASP B 51 7.59 28.12 -18.08
CA ASP B 51 7.89 27.76 -19.47
C ASP B 51 7.53 28.87 -20.46
N ASP B 52 6.85 29.92 -19.97
CA ASP B 52 6.41 31.04 -20.80
C ASP B 52 6.96 32.41 -20.35
N PRO B 53 7.49 33.21 -21.30
CA PRO B 53 8.07 34.54 -21.04
C PRO B 53 7.12 35.52 -20.37
N ARG B 54 5.85 35.44 -20.72
CA ARG B 54 4.84 36.32 -20.13
C ARG B 54 4.70 36.09 -18.63
N VAL B 55 4.99 34.88 -18.18
CA VAL B 55 4.91 34.55 -16.76
C VAL B 55 6.20 35.00 -16.07
N GLU B 56 7.32 34.80 -16.76
CA GLU B 56 8.62 35.18 -16.24
C GLU B 56 8.67 36.68 -15.93
N GLN B 57 8.29 37.49 -16.92
CA GLN B 57 8.29 38.94 -16.78
C GLN B 57 7.32 39.41 -15.70
N ALA B 58 6.21 38.70 -15.53
CA ALA B 58 5.23 39.06 -14.51
C ALA B 58 5.82 38.86 -13.10
N VAL B 59 6.63 37.83 -12.95
CA VAL B 59 7.27 37.53 -11.68
C VAL B 59 8.34 38.57 -11.38
N GLN B 60 9.19 38.86 -12.37
CA GLN B 60 10.26 39.86 -12.19
C GLN B 60 9.69 41.26 -11.92
N ALA B 61 8.48 41.51 -12.40
CA ALA B 61 7.81 42.80 -12.22
C ALA B 61 7.52 43.08 -10.75
N PHE B 62 7.10 42.05 -10.01
CA PHE B 62 6.81 42.24 -8.59
C PHE B 62 8.00 41.99 -7.68
N GLY B 63 9.16 41.70 -8.26
CA GLY B 63 10.37 41.48 -7.47
C GLY B 63 10.83 40.06 -7.28
N GLY B 64 10.01 39.09 -7.71
CA GLY B 64 10.36 37.69 -7.57
C GLY B 64 11.46 37.19 -8.49
N LYS B 65 11.87 35.95 -8.26
CA LYS B 65 12.90 35.27 -9.05
C LYS B 65 12.27 34.20 -9.94
N ALA B 66 12.63 34.19 -11.21
CA ALA B 66 12.08 33.21 -12.14
C ALA B 66 13.17 32.51 -12.93
N ILE B 67 12.86 31.29 -13.35
CA ILE B 67 13.80 30.50 -14.13
C ILE B 67 13.05 29.78 -15.25
N MET B 68 13.50 30.01 -16.48
CA MET B 68 12.90 29.39 -17.65
C MET B 68 13.23 27.91 -17.67
N THR B 69 12.23 27.12 -18.03
CA THR B 69 12.42 25.67 -18.11
C THR B 69 11.78 25.18 -19.41
N ARG B 70 12.13 23.98 -19.85
CA ARG B 70 11.58 23.41 -21.10
C ARG B 70 10.07 23.33 -21.08
N ASN B 71 9.48 23.32 -22.27
CA ASN B 71 8.03 23.27 -22.41
C ASN B 71 7.49 21.87 -22.73
N ASP B 72 8.39 20.90 -22.85
CA ASP B 72 7.99 19.54 -23.16
C ASP B 72 7.83 18.63 -21.93
N HIS B 73 7.92 19.21 -20.74
CA HIS B 73 7.76 18.46 -19.49
C HIS B 73 6.27 18.12 -19.32
N GLU B 74 5.99 16.90 -18.89
CA GLU B 74 4.59 16.48 -18.68
C GLU B 74 4.18 16.58 -17.21
N SER B 75 5.16 16.77 -16.33
CA SER B 75 4.89 16.87 -14.90
C SER B 75 5.73 17.94 -14.20
N GLY B 76 5.19 18.46 -13.09
CA GLY B 76 5.89 19.45 -12.31
C GLY B 76 7.16 18.86 -11.69
N THR B 77 7.16 17.54 -11.51
CA THR B 77 8.30 16.82 -10.95
C THR B 77 9.45 16.82 -11.93
N ASP B 78 9.16 16.55 -13.19
CA ASP B 78 10.21 16.55 -14.21
C ASP B 78 10.80 17.95 -14.37
N ARG B 79 9.95 18.96 -14.17
CA ARG B 79 10.37 20.36 -14.28
C ARG B 79 11.30 20.69 -13.12
N LEU B 80 11.05 20.06 -11.98
CA LEU B 80 11.86 20.26 -10.78
C LEU B 80 13.27 19.66 -10.97
N VAL B 81 13.34 18.55 -11.69
CA VAL B 81 14.61 17.88 -11.97
C VAL B 81 15.49 18.80 -12.82
N GLU B 82 14.88 19.55 -13.75
CA GLU B 82 15.63 20.46 -14.61
C GLU B 82 16.21 21.61 -13.80
N VAL B 83 15.45 22.06 -12.81
CA VAL B 83 15.84 23.17 -11.94
C VAL B 83 16.97 22.75 -10.97
N MET B 84 16.92 21.51 -10.51
CA MET B 84 17.91 20.94 -9.59
C MET B 84 19.33 21.06 -10.16
N HIS B 85 19.44 21.03 -11.49
CA HIS B 85 20.74 21.14 -12.15
C HIS B 85 21.28 22.56 -12.14
N LYS B 86 20.39 23.55 -12.06
CA LYS B 86 20.82 24.96 -12.06
C LYS B 86 20.87 25.56 -10.66
N VAL B 87 19.88 25.22 -9.84
CA VAL B 87 19.79 25.71 -8.47
C VAL B 87 20.19 24.61 -7.48
N GLU B 88 21.36 24.76 -6.85
CA GLU B 88 21.86 23.78 -5.88
C GLU B 88 21.31 23.90 -4.47
N ALA B 89 20.81 22.79 -3.95
CA ALA B 89 20.27 22.75 -2.58
C ALA B 89 20.29 21.31 -2.12
N ASP B 90 20.09 21.11 -0.81
CA ASP B 90 20.08 19.75 -0.26
C ASP B 90 18.64 19.23 -0.26
N ILE B 91 17.69 20.13 -0.01
CA ILE B 91 16.26 19.80 0.03
C ILE B 91 15.49 20.74 -0.89
N TYR B 92 14.64 20.17 -1.74
CA TYR B 92 13.82 20.94 -2.68
C TYR B 92 12.34 20.77 -2.33
N ILE B 93 11.63 21.87 -2.17
CA ILE B 93 10.21 21.81 -1.87
C ILE B 93 9.46 22.23 -3.14
N ASN B 94 8.51 21.39 -3.54
CA ASN B 94 7.72 21.62 -4.74
C ASN B 94 6.30 22.07 -4.36
N LEU B 95 6.04 23.36 -4.49
CA LEU B 95 4.73 23.94 -4.20
C LEU B 95 3.95 24.06 -5.51
N GLN B 96 2.64 23.96 -5.44
CA GLN B 96 1.83 24.06 -6.65
C GLN B 96 1.45 25.52 -6.93
N GLY B 97 1.73 25.98 -8.16
CA GLY B 97 1.43 27.35 -8.55
C GLY B 97 -0.03 27.78 -8.56
N ASP B 98 -0.94 26.84 -8.28
CA ASP B 98 -2.36 27.13 -8.26
C ASP B 98 -3.04 26.95 -6.92
N GLU B 99 -2.26 27.04 -5.86
CA GLU B 99 -2.79 26.94 -4.51
C GLU B 99 -2.36 28.20 -3.77
N PRO B 100 -3.07 29.31 -4.02
CA PRO B 100 -2.73 30.58 -3.36
C PRO B 100 -3.05 30.64 -1.87
N MET B 101 -3.78 29.66 -1.36
CA MET B 101 -4.15 29.66 0.05
C MET B 101 -3.29 28.77 0.95
N ILE B 102 -2.10 28.45 0.45
CA ILE B 102 -1.12 27.63 1.16
C ILE B 102 -0.72 28.32 2.47
N ARG B 103 -0.70 27.57 3.57
CA ARG B 103 -0.29 28.12 4.86
C ARG B 103 1.22 27.92 5.05
N PRO B 104 1.96 29.01 5.28
CA PRO B 104 3.41 28.93 5.47
C PRO B 104 3.80 27.92 6.55
N ARG B 105 2.95 27.78 7.56
CA ARG B 105 3.17 26.85 8.67
C ARG B 105 3.27 25.38 8.24
N ASP B 106 2.40 24.98 7.33
CA ASP B 106 2.37 23.61 6.83
C ASP B 106 3.65 23.25 6.09
N VAL B 107 4.25 24.24 5.41
CA VAL B 107 5.48 24.00 4.67
C VAL B 107 6.65 23.86 5.65
N GLU B 108 6.55 24.52 6.79
CA GLU B 108 7.57 24.46 7.84
C GLU B 108 7.49 23.11 8.54
N THR B 109 6.28 22.56 8.66
CA THR B 109 6.09 21.26 9.28
C THR B 109 6.82 20.25 8.41
N LEU B 110 6.65 20.41 7.10
CA LEU B 110 7.29 19.55 6.11
C LEU B 110 8.81 19.63 6.19
N LEU B 111 9.32 20.86 6.17
CA LEU B 111 10.76 21.11 6.24
C LEU B 111 11.37 20.56 7.52
N GLN B 112 10.68 20.77 8.65
CA GLN B 112 11.16 20.28 9.94
C GLN B 112 11.24 18.77 9.93
N GLY B 113 10.24 18.14 9.31
CA GLY B 113 10.24 16.69 9.20
C GLY B 113 11.47 16.21 8.48
N MET B 114 11.83 16.87 7.38
CA MET B 114 13.00 16.49 6.60
C MET B 114 14.29 16.67 7.38
N ARG B 115 14.34 17.72 8.21
CA ARG B 115 15.54 18.00 8.99
C ARG B 115 15.72 17.12 10.20
N ASP B 116 14.61 16.69 10.82
CA ASP B 116 14.66 15.82 11.97
C ASP B 116 15.15 14.40 11.61
N ASP B 117 15.02 14.03 10.33
CA ASP B 117 15.43 12.71 9.88
C ASP B 117 16.20 12.81 8.56
N PRO B 118 17.53 12.88 8.64
CA PRO B 118 18.44 12.99 7.49
C PRO B 118 18.37 11.85 6.49
N ALA B 119 17.80 10.72 6.92
CA ALA B 119 17.69 9.54 6.07
C ALA B 119 16.41 9.53 5.23
N LEU B 120 15.47 10.42 5.55
CA LEU B 120 14.21 10.52 4.85
C LEU B 120 14.40 11.14 3.46
N PRO B 121 14.06 10.38 2.39
CA PRO B 121 14.21 10.85 1.01
C PRO B 121 13.11 11.82 0.54
N VAL B 122 11.86 11.48 0.81
CA VAL B 122 10.74 12.31 0.40
C VAL B 122 9.73 12.45 1.53
N ALA B 123 9.06 13.60 1.56
CA ALA B 123 8.05 13.90 2.55
C ALA B 123 6.89 14.61 1.86
N THR B 124 5.67 14.39 2.34
CA THR B 124 4.52 15.05 1.76
C THR B 124 3.49 15.31 2.85
N LEU B 125 2.34 15.89 2.51
CA LEU B 125 1.30 16.22 3.49
C LEU B 125 -0.01 15.51 3.23
N CYS B 126 -0.89 15.54 4.23
CA CYS B 126 -2.22 14.96 4.15
C CYS B 126 -3.09 15.55 5.27
N HIS B 127 -4.40 15.39 5.16
CA HIS B 127 -5.35 15.85 6.17
C HIS B 127 -6.58 14.95 6.16
N ALA B 128 -7.31 14.94 7.27
CA ALA B 128 -8.49 14.11 7.42
C ALA B 128 -9.66 14.55 6.53
N ILE B 129 -10.38 13.56 6.01
CA ILE B 129 -11.56 13.81 5.18
C ILE B 129 -12.63 12.80 5.60
N SER B 130 -13.89 13.13 5.38
CA SER B 130 -14.99 12.25 5.73
C SER B 130 -15.00 11.02 4.83
N ALA B 131 -15.84 10.04 5.16
CA ALA B 131 -15.96 8.83 4.36
C ALA B 131 -16.58 9.17 3.00
N ALA B 132 -17.47 10.16 3.01
CA ALA B 132 -18.14 10.63 1.78
C ALA B 132 -17.14 11.16 0.77
N GLU B 133 -16.25 12.05 1.23
CA GLU B 133 -15.22 12.63 0.38
C GLU B 133 -14.24 11.58 -0.13
N ALA B 134 -14.02 10.54 0.69
CA ALA B 134 -13.11 9.45 0.35
C ALA B 134 -13.57 8.64 -0.86
N ALA B 135 -14.87 8.60 -1.10
CA ALA B 135 -15.43 7.83 -2.21
C ALA B 135 -15.19 8.44 -3.59
N GLU B 136 -14.72 9.69 -3.62
CA GLU B 136 -14.48 10.40 -4.88
C GLU B 136 -13.10 10.09 -5.48
N PRO B 137 -13.06 9.60 -6.73
CA PRO B 137 -11.86 9.24 -7.48
C PRO B 137 -10.93 10.42 -7.72
N SER B 138 -11.48 11.62 -7.64
CA SER B 138 -10.69 12.84 -7.85
C SER B 138 -9.88 13.20 -6.61
N THR B 139 -10.32 12.67 -5.46
CA THR B 139 -9.64 12.87 -4.19
C THR B 139 -8.69 11.70 -3.97
N VAL B 140 -7.39 11.97 -3.91
CA VAL B 140 -6.39 10.94 -3.69
C VAL B 140 -6.23 10.63 -2.20
N LYS B 141 -6.50 9.36 -1.83
CA LYS B 141 -6.37 8.88 -0.45
C LYS B 141 -5.00 8.25 -0.18
N VAL B 142 -4.59 8.25 1.08
CA VAL B 142 -3.31 7.68 1.50
C VAL B 142 -3.50 6.95 2.83
N VAL B 143 -2.75 5.86 3.01
CA VAL B 143 -2.77 5.07 4.26
C VAL B 143 -1.34 5.02 4.76
N VAL B 144 -1.15 5.26 6.06
CA VAL B 144 0.19 5.31 6.66
C VAL B 144 0.38 4.32 7.80
N ASN B 145 1.63 4.12 8.21
CA ASN B 145 1.94 3.21 9.32
C ASN B 145 2.21 4.04 10.59
N THR B 146 2.70 3.40 11.66
CA THR B 146 2.98 4.13 12.90
C THR B 146 4.00 5.26 12.77
N ARG B 147 5.00 5.08 11.92
CA ARG B 147 6.00 6.13 11.70
C ARG B 147 5.49 7.13 10.66
N GLN B 148 4.23 6.97 10.24
CA GLN B 148 3.59 7.84 9.26
C GLN B 148 4.13 7.69 7.85
N ASP B 149 4.79 6.58 7.57
CA ASP B 149 5.30 6.31 6.23
C ASP B 149 4.11 5.86 5.41
N ALA B 150 4.05 6.30 4.15
CA ALA B 150 2.95 5.94 3.27
C ALA B 150 3.01 4.47 2.84
N LEU B 151 1.88 3.78 2.98
CA LEU B 151 1.82 2.39 2.56
C LEU B 151 1.45 2.38 1.08
N TYR B 152 0.46 3.21 0.73
CA TYR B 152 0.00 3.30 -0.65
C TYR B 152 -0.86 4.55 -0.87
N PHE B 153 -0.95 4.99 -2.13
CA PHE B 153 -1.75 6.14 -2.55
C PHE B 153 -2.78 5.63 -3.57
N SER B 154 -4.05 5.98 -3.40
CA SER B 154 -5.06 5.50 -4.33
C SER B 154 -6.32 6.36 -4.43
N ARG B 155 -6.96 6.26 -5.59
CA ARG B 155 -8.21 6.95 -5.88
C ARG B 155 -9.37 6.13 -5.29
N SER B 156 -9.07 4.87 -4.96
CA SER B 156 -10.04 3.95 -4.35
C SER B 156 -10.10 4.30 -2.87
N PRO B 157 -11.27 4.09 -2.23
CA PRO B 157 -11.37 4.40 -0.81
C PRO B 157 -10.58 3.40 0.02
N ILE B 158 -9.41 3.82 0.49
CA ILE B 158 -8.58 2.97 1.36
C ILE B 158 -8.38 3.70 2.68
N PRO B 159 -8.52 2.97 3.81
CA PRO B 159 -8.84 1.54 3.88
C PRO B 159 -10.31 1.22 3.56
N TYR B 160 -10.55 -0.01 3.11
CA TYR B 160 -11.90 -0.46 2.80
C TYR B 160 -12.70 -0.52 4.10
N PRO B 161 -13.91 0.07 4.09
CA PRO B 161 -14.80 0.13 5.24
C PRO B 161 -15.61 -1.13 5.57
N ARG B 162 -14.95 -2.25 5.85
CA ARG B 162 -15.67 -3.47 6.22
C ARG B 162 -16.37 -3.16 7.56
N ASN B 163 -15.62 -2.54 8.46
CA ASN B 163 -16.13 -2.11 9.75
C ASN B 163 -16.03 -0.60 9.63
N ALA B 164 -17.12 -0.02 9.13
CA ALA B 164 -17.23 1.41 8.86
C ALA B 164 -16.78 2.35 9.97
N GLU B 165 -17.27 2.13 11.18
CA GLU B 165 -16.94 3.00 12.32
C GLU B 165 -15.45 3.04 12.68
N LYS B 166 -14.68 2.08 12.17
CA LYS B 166 -13.25 1.99 12.46
C LYS B 166 -12.38 2.71 11.45
N ALA B 167 -12.88 2.89 10.25
CA ALA B 167 -12.14 3.55 9.17
C ALA B 167 -11.96 5.07 9.31
N ARG B 168 -10.74 5.53 9.08
CA ARG B 168 -10.41 6.95 9.13
C ARG B 168 -9.70 7.26 7.82
N TYR B 169 -10.14 8.31 7.11
CA TYR B 169 -9.52 8.65 5.83
C TYR B 169 -8.58 9.87 5.82
N LEU B 170 -7.61 9.83 4.93
CA LEU B 170 -6.62 10.88 4.78
C LEU B 170 -6.49 11.30 3.32
N LYS B 171 -6.70 12.58 3.06
CA LYS B 171 -6.56 13.10 1.71
C LYS B 171 -5.12 13.57 1.56
N HIS B 172 -4.52 13.22 0.43
CA HIS B 172 -3.16 13.61 0.13
C HIS B 172 -3.11 15.04 -0.40
N VAL B 173 -2.24 15.86 0.18
CA VAL B 173 -2.04 17.25 -0.23
C VAL B 173 -0.76 17.27 -1.06
N GLY B 174 -0.89 17.54 -2.35
CA GLY B 174 0.25 17.53 -3.26
C GLY B 174 1.46 18.43 -3.10
N ILE B 175 1.99 18.56 -1.90
CA ILE B 175 3.19 19.35 -1.67
C ILE B 175 4.28 18.35 -1.29
N TYR B 176 5.45 18.46 -1.90
CA TYR B 176 6.54 17.53 -1.62
C TYR B 176 7.84 18.19 -1.23
N ALA B 177 8.69 17.43 -0.56
CA ALA B 177 10.03 17.85 -0.15
C ALA B 177 10.93 16.71 -0.62
N TYR B 178 11.91 17.00 -1.46
CA TYR B 178 12.80 15.97 -1.97
C TYR B 178 14.24 16.23 -1.61
N ARG B 179 14.94 15.17 -1.21
CA ARG B 179 16.35 15.27 -0.89
C ARG B 179 16.99 15.33 -2.30
N ARG B 180 18.13 16.00 -2.42
CA ARG B 180 18.78 16.14 -3.72
C ARG B 180 19.06 14.83 -4.47
N ASP B 181 19.57 13.82 -3.77
CA ASP B 181 19.91 12.54 -4.39
C ASP B 181 18.71 11.84 -5.07
N VAL B 182 17.51 12.11 -4.57
CA VAL B 182 16.30 11.51 -5.12
C VAL B 182 16.04 12.09 -6.51
N LEU B 183 16.25 13.40 -6.64
CA LEU B 183 16.03 14.08 -7.92
C LEU B 183 17.10 13.68 -8.93
N GLN B 184 18.35 13.55 -8.49
CA GLN B 184 19.42 13.16 -9.39
C GLN B 184 19.20 11.78 -10.02
N ASN B 185 18.49 10.90 -9.30
CA ASN B 185 18.20 9.54 -9.78
C ASN B 185 16.79 9.38 -10.34
N TYR B 186 15.98 10.42 -10.32
CA TYR B 186 14.61 10.33 -10.79
C TYR B 186 14.40 9.88 -12.24
N SER B 187 15.12 10.50 -13.16
CA SER B 187 15.00 10.15 -14.57
C SER B 187 15.27 8.67 -14.89
N GLN B 188 15.97 7.97 -14.00
CA GLN B 188 16.28 6.56 -14.21
C GLN B 188 15.18 5.60 -13.75
N LEU B 189 14.23 6.08 -12.96
CA LEU B 189 13.15 5.23 -12.47
C LEU B 189 12.18 4.93 -13.60
N PRO B 190 11.73 3.68 -13.73
CA PRO B 190 10.79 3.33 -14.80
C PRO B 190 9.35 3.54 -14.34
N GLU B 191 8.45 3.85 -15.28
CA GLU B 191 7.04 4.04 -14.94
C GLU B 191 6.51 2.71 -14.42
N SER B 192 5.65 2.76 -13.41
CA SER B 192 5.11 1.53 -12.83
C SER B 192 3.66 1.28 -13.24
N MET B 193 3.25 0.02 -13.16
CA MET B 193 1.89 -0.36 -13.51
C MET B 193 0.87 0.40 -12.65
N PRO B 194 1.05 0.42 -11.31
CA PRO B 194 0.08 1.15 -10.47
C PRO B 194 0.08 2.66 -10.78
N GLU B 195 1.22 3.18 -11.20
CA GLU B 195 1.31 4.59 -11.55
C GLU B 195 0.43 4.84 -12.78
N GLN B 196 0.65 4.04 -13.83
CA GLN B 196 -0.12 4.15 -15.06
C GLN B 196 -1.62 3.91 -14.90
N ALA B 197 -2.01 2.99 -14.04
CA ALA B 197 -3.41 2.67 -13.81
C ALA B 197 -4.13 3.74 -13.01
N GLU B 198 -3.55 4.10 -11.87
CA GLU B 198 -4.12 5.13 -11.00
C GLU B 198 -3.92 6.53 -11.55
N SER B 199 -2.88 6.69 -12.37
CA SER B 199 -2.52 7.98 -12.94
C SER B 199 -2.11 8.86 -11.75
N LEU B 200 -1.08 8.39 -11.04
CA LEU B 200 -0.50 9.04 -9.86
C LEU B 200 1.00 8.89 -9.95
N GLU B 201 1.67 10.00 -10.24
CA GLU B 201 3.12 10.02 -10.40
C GLU B 201 3.94 9.60 -9.19
N GLN B 202 3.44 9.89 -7.99
CA GLN B 202 4.15 9.52 -6.75
C GLN B 202 4.34 8.01 -6.56
N LEU B 203 3.51 7.22 -7.22
CA LEU B 203 3.61 5.76 -7.14
C LEU B 203 4.87 5.24 -7.85
N ARG B 204 5.53 6.11 -8.60
CA ARG B 204 6.74 5.72 -9.32
C ARG B 204 7.89 5.60 -8.31
N LEU B 205 7.79 6.39 -7.24
CA LEU B 205 8.80 6.39 -6.19
C LEU B 205 8.63 5.16 -5.31
N MET B 206 7.40 4.87 -4.94
CA MET B 206 7.10 3.72 -4.10
C MET B 206 7.46 2.41 -4.77
N ASN B 207 7.27 2.37 -6.09
CA ASN B 207 7.59 1.18 -6.87
C ASN B 207 9.09 0.88 -6.73
N ALA B 208 9.88 1.94 -6.64
CA ALA B 208 11.33 1.82 -6.50
C ALA B 208 11.80 1.58 -5.06
N GLY B 209 10.87 1.61 -4.11
CA GLY B 209 11.22 1.40 -2.72
C GLY B 209 11.64 2.65 -1.97
N ILE B 210 11.37 3.82 -2.56
CA ILE B 210 11.73 5.08 -1.93
C ILE B 210 10.64 5.47 -0.94
N ASN B 211 11.03 5.61 0.33
CA ASN B 211 10.10 5.94 1.38
C ASN B 211 9.59 7.38 1.30
N ILE B 212 8.28 7.53 1.53
CA ILE B 212 7.61 8.81 1.50
C ILE B 212 6.86 8.98 2.83
N ARG B 213 7.34 9.87 3.69
CA ARG B 213 6.67 10.10 4.98
C ARG B 213 5.61 11.16 4.79
N THR B 214 4.42 10.91 5.34
CA THR B 214 3.30 11.82 5.21
C THR B 214 2.89 12.48 6.51
N PHE B 215 3.14 13.78 6.64
CA PHE B 215 2.80 14.56 7.83
C PHE B 215 1.40 15.13 7.74
N GLU B 216 0.65 15.00 8.84
CA GLU B 216 -0.73 15.47 8.89
C GLU B 216 -0.89 16.91 9.33
N VAL B 217 -1.76 17.63 8.62
CA VAL B 217 -2.06 19.03 8.91
C VAL B 217 -3.58 19.20 8.89
N ALA B 218 -4.06 20.41 9.15
CA ALA B 218 -5.49 20.68 9.14
C ALA B 218 -5.99 20.81 7.69
N ALA B 219 -7.29 20.69 7.49
CA ALA B 219 -7.87 20.78 6.15
C ALA B 219 -7.38 22.02 5.41
N THR B 220 -6.88 21.82 4.19
CA THR B 220 -6.36 22.89 3.35
C THR B 220 -7.41 23.54 2.46
N GLY B 221 -7.04 24.69 1.89
CA GLY B 221 -7.93 25.41 1.01
C GLY B 221 -7.93 24.86 -0.41
N PRO B 222 -8.98 25.15 -1.20
CA PRO B 222 -9.10 24.67 -2.58
C PRO B 222 -8.09 25.26 -3.56
N GLY B 223 -7.76 24.48 -4.58
CA GLY B 223 -6.84 24.95 -5.60
C GLY B 223 -7.62 25.53 -6.77
N VAL B 224 -6.92 26.10 -7.74
CA VAL B 224 -7.56 26.70 -8.90
C VAL B 224 -7.28 25.91 -10.18
N ASP B 225 -8.26 25.13 -10.61
CA ASP B 225 -8.16 24.31 -11.81
C ASP B 225 -9.31 24.60 -12.77
N THR B 226 -10.48 24.88 -12.19
CA THR B 226 -11.68 25.19 -12.96
C THR B 226 -12.09 26.64 -12.68
N PRO B 227 -12.85 27.28 -13.59
CA PRO B 227 -13.26 28.67 -13.36
C PRO B 227 -14.29 28.81 -12.22
N ALA B 228 -14.75 27.66 -11.72
CA ALA B 228 -15.71 27.62 -10.61
C ALA B 228 -14.95 27.77 -9.29
N CYS B 229 -13.78 27.14 -9.24
CA CYS B 229 -12.90 27.19 -8.08
C CYS B 229 -12.23 28.55 -7.97
N LEU B 230 -11.95 29.17 -9.12
CA LEU B 230 -11.32 30.49 -9.16
C LEU B 230 -12.22 31.54 -8.53
N GLU B 231 -13.53 31.43 -8.75
CA GLU B 231 -14.49 32.37 -8.16
C GLU B 231 -14.60 32.10 -6.67
N LYS B 232 -14.49 30.83 -6.30
CA LYS B 232 -14.56 30.42 -4.91
C LYS B 232 -13.36 30.95 -4.14
N VAL B 233 -12.16 30.82 -4.73
CA VAL B 233 -10.92 31.29 -4.10
C VAL B 233 -10.91 32.82 -3.97
N ARG B 234 -11.42 33.54 -4.97
CA ARG B 234 -11.48 35.00 -4.92
C ARG B 234 -12.36 35.44 -3.75
N ALA B 235 -13.47 34.71 -3.58
CA ALA B 235 -14.43 34.97 -2.52
C ALA B 235 -13.80 34.73 -1.15
N LEU B 236 -13.09 33.61 -1.01
CA LEU B 236 -12.45 33.24 0.25
C LEU B 236 -11.28 34.16 0.62
N MET B 237 -10.56 34.65 -0.38
CA MET B 237 -9.42 35.53 -0.13
C MET B 237 -9.80 36.99 0.06
N ALA B 238 -11.03 37.33 -0.28
CA ALA B 238 -11.52 38.69 -0.13
C ALA B 238 -11.94 38.91 1.32
N GLN B 239 -12.64 37.93 1.89
CA GLN B 239 -13.11 37.97 3.28
C GLN B 239 -11.99 37.71 4.28
N GLU B 240 -10.87 37.19 3.79
CA GLU B 240 -9.71 36.90 4.62
C GLU B 240 -8.95 38.21 4.90
N LEU B 241 -9.47 39.31 4.37
CA LEU B 241 -8.85 40.62 4.53
C LEU B 241 -9.71 41.55 5.40
#